data_4TYY
#
_entry.id   4TYY
#
_cell.length_a   89.635
_cell.length_b   126.842
_cell.length_c   55.303
_cell.angle_alpha   90.00
_cell.angle_beta   90.00
_cell.angle_gamma   90.00
#
_symmetry.space_group_name_H-M   'P 21 21 2'
#
loop_
_entity.id
_entity.type
_entity.pdbx_description
1 polymer "RNA (5'-R(P*AP*AP*AP*AP*AP*AP*AP*AP*A)-3')"
2 polymer 'ATP-dependent RNA helicase MSS116, mitochondrial'
3 non-polymer 'BERYLLIUM TRIFLUORIDE ION'
4 non-polymer "CYTIDINE-5'-DIPHOSPHATE"
5 non-polymer 'MAGNESIUM ION'
6 water water
#
loop_
_entity_poly.entity_id
_entity_poly.type
_entity_poly.pdbx_seq_one_letter_code
_entity_poly.pdbx_strand_id
1 'polyribonucleotide' AAAAAAAAA B
2 'polypeptide(L)'
;SKLIHVPKEDNSKEVTLDSLLEEGVLDKEIHKAITRMEFPGLTPVQQKTIKPILSSEDHDVIARAKTGTGKTFAFLIPIF
QHLINTKFDSQYMVKAVIVAPTRDLALQIEAEVKKIHDMNYGLKKYACVSLVGGTDFRAAMNKMNKLRPNIVIATPGRLI
DVLEKYSNKFFRFVDYKVLDEADRLLEIGFRDDLETISGILNEKNSKSADNIKTLLFSATLDDKVQKLANNIMNKKECLF
LDTVDKNEPEAHERIDQSVVISEKFANSIFAAVEHIKKQIKERDSNYKAIIFAPTVKFTSFLCSILKNEFKKDLPILEFH
GKITQNKRTSLVKRFKKDESGILVCTDVGARGMDFPNVHEVLQIGVPSELANYIHRIGRTARSGKEGSSVLFICKDELPF
VRELEDAKNIVIAKQEKYEPSEEIKSEVLEAVTEEPEDISDIVISLISSYRSCIKEYRFSERRILPEIASTYGVLLNDPQ
LKIPVSRRFLDKLGLSRSPIGKAMFEIRD
;
A
#
loop_
_chem_comp.id
_chem_comp.type
_chem_comp.name
_chem_comp.formula
A RNA linking ADENOSINE-5'-MONOPHOSPHATE 'C10 H14 N5 O7 P'
BEF non-polymer 'BERYLLIUM TRIFLUORIDE ION' 'Be F3 -1'
CDP non-polymer CYTIDINE-5'-DIPHOSPHATE 'C9 H15 N3 O11 P2'
MG non-polymer 'MAGNESIUM ION' 'Mg 2'
#
# COMPACT_ATOMS: atom_id res chain seq x y z
N SER B 1 -17.93 -15.33 17.01
CA SER B 1 -17.98 -14.11 17.81
C SER B 1 -19.03 -13.15 17.27
N LYS B 2 -19.57 -12.32 18.17
CA LYS B 2 -20.63 -11.37 17.82
C LYS B 2 -20.11 -10.27 16.90
N LEU B 3 -20.93 -9.90 15.92
CA LEU B 3 -20.56 -8.90 14.93
C LEU B 3 -21.75 -8.01 14.59
N ILE B 4 -21.56 -6.70 14.72
CA ILE B 4 -22.61 -5.72 14.42
C ILE B 4 -22.10 -4.69 13.41
N HIS B 5 -23.01 -4.20 12.57
CA HIS B 5 -22.67 -3.21 11.54
C HIS B 5 -23.33 -1.88 11.85
N VAL B 6 -22.57 -0.80 11.65
CA VAL B 6 -23.07 0.55 11.88
C VAL B 6 -22.74 1.45 10.69
N PRO B 7 -23.56 1.40 9.62
CA PRO B 7 -23.33 2.22 8.43
C PRO B 7 -23.45 3.72 8.71
N LYS B 8 -23.20 4.53 7.68
CA LYS B 8 -23.29 5.98 7.82
C LYS B 8 -24.74 6.43 7.85
N SER B 12 -25.77 12.08 10.44
CA SER B 12 -25.43 11.84 11.84
C SER B 12 -24.88 13.12 12.48
N LYS B 13 -24.97 13.19 13.80
CA LYS B 13 -24.48 14.36 14.54
C LYS B 13 -22.96 14.48 14.42
N GLU B 14 -22.49 15.70 14.22
CA GLU B 14 -21.06 15.96 14.03
C GLU B 14 -20.30 15.85 15.34
N VAL B 15 -19.04 15.42 15.24
CA VAL B 15 -18.14 15.33 16.39
C VAL B 15 -16.91 16.20 16.11
N THR B 16 -16.36 16.82 17.14
CA THR B 16 -15.20 17.69 17.01
C THR B 16 -14.22 17.50 18.15
N LEU B 17 -13.06 18.14 18.05
CA LEU B 17 -12.07 18.09 19.12
C LEU B 17 -12.63 18.61 20.43
N ASP B 18 -13.19 19.81 20.38
CA ASP B 18 -13.74 20.46 21.55
C ASP B 18 -14.81 19.58 22.20
N SER B 19 -15.67 19.01 21.36
CA SER B 19 -16.76 18.16 21.83
C SER B 19 -16.26 16.99 22.67
N LEU B 20 -15.31 16.25 22.13
CA LEU B 20 -14.74 15.11 22.84
C LEU B 20 -14.00 15.57 24.10
N LEU B 21 -13.66 16.86 24.15
CA LEU B 21 -13.03 17.43 25.33
C LEU B 21 -14.05 17.63 26.45
N GLU B 22 -15.28 17.99 26.06
CA GLU B 22 -16.35 18.20 27.03
C GLU B 22 -16.88 16.86 27.53
N GLU B 23 -17.02 15.90 26.63
CA GLU B 23 -17.57 14.59 26.97
C GLU B 23 -16.68 13.83 27.94
N GLY B 24 -15.42 14.23 28.03
CA GLY B 24 -14.47 13.62 28.95
C GLY B 24 -13.86 12.34 28.42
N VAL B 25 -14.04 12.10 27.12
CA VAL B 25 -13.47 10.91 26.49
C VAL B 25 -12.03 11.14 26.05
N LEU B 26 -11.61 12.41 26.03
CA LEU B 26 -10.27 12.77 25.57
C LEU B 26 -9.60 13.76 26.51
N ASP B 27 -8.37 13.45 26.92
CA ASP B 27 -7.61 14.29 27.84
C ASP B 27 -7.19 15.58 27.16
N LYS B 28 -6.78 16.56 27.97
CA LYS B 28 -6.40 17.88 27.47
C LYS B 28 -5.06 17.87 26.73
N GLU B 29 -4.11 17.09 27.23
CA GLU B 29 -2.77 17.09 26.67
C GLU B 29 -2.75 16.60 25.22
N ILE B 30 -3.75 15.80 24.86
CA ILE B 30 -3.86 15.25 23.51
C ILE B 30 -4.60 16.25 22.60
N HIS B 31 -5.51 17.01 23.19
CA HIS B 31 -6.30 18.00 22.47
C HIS B 31 -5.42 19.05 21.78
N LYS B 32 -4.40 19.52 22.51
CA LYS B 32 -3.52 20.55 22.00
C LYS B 32 -2.71 20.07 20.80
N ALA B 33 -2.46 18.77 20.74
CA ALA B 33 -1.66 18.19 19.67
C ALA B 33 -2.38 18.29 18.32
N ILE B 34 -3.57 17.74 18.24
CA ILE B 34 -4.34 17.74 17.00
C ILE B 34 -4.83 19.16 16.70
N THR B 35 -5.13 19.91 17.76
CA THR B 35 -5.57 21.29 17.60
C THR B 35 -4.49 22.11 16.93
N ARG B 36 -3.25 21.94 17.40
CA ARG B 36 -2.12 22.70 16.88
C ARG B 36 -1.84 22.39 15.41
N MET B 37 -2.26 21.22 14.95
CA MET B 37 -2.07 20.83 13.55
C MET B 37 -2.93 21.66 12.62
N GLU B 38 -3.99 22.25 13.18
CA GLU B 38 -4.85 23.16 12.43
C GLU B 38 -5.52 22.47 11.24
N PHE B 39 -6.29 21.43 11.52
CA PHE B 39 -7.08 20.76 10.49
C PHE B 39 -8.48 21.38 10.43
N PRO B 40 -9.12 21.33 9.25
CA PRO B 40 -10.49 21.85 9.13
C PRO B 40 -11.45 21.20 10.13
N GLY B 41 -11.17 19.96 10.48
CA GLY B 41 -11.99 19.22 11.41
C GLY B 41 -11.70 17.74 11.32
N LEU B 42 -12.33 16.95 12.19
CA LEU B 42 -12.11 15.52 12.20
C LEU B 42 -12.75 14.85 10.98
N THR B 43 -12.06 13.85 10.44
CA THR B 43 -12.56 13.08 9.31
C THR B 43 -13.79 12.27 9.74
N PRO B 44 -14.76 12.07 8.83
CA PRO B 44 -15.93 11.23 9.13
C PRO B 44 -15.58 9.91 9.83
N VAL B 45 -14.52 9.25 9.39
CA VAL B 45 -14.12 7.98 10.00
C VAL B 45 -13.59 8.22 11.41
N GLN B 46 -12.84 9.31 11.59
CA GLN B 46 -12.25 9.62 12.88
C GLN B 46 -13.31 9.96 13.93
N GLN B 47 -14.35 10.65 13.50
CA GLN B 47 -15.48 10.95 14.37
C GLN B 47 -16.21 9.68 14.76
N LYS B 48 -16.31 8.76 13.79
CA LYS B 48 -17.12 7.56 13.95
C LYS B 48 -16.42 6.49 14.77
N THR B 49 -15.09 6.52 14.80
CA THR B 49 -14.32 5.42 15.37
C THR B 49 -13.71 5.73 16.73
N ILE B 50 -13.42 6.99 17.00
CA ILE B 50 -12.62 7.34 18.17
C ILE B 50 -13.28 6.95 19.50
N LYS B 51 -14.55 7.30 19.68
CA LYS B 51 -15.22 7.06 20.95
C LYS B 51 -15.46 5.56 21.20
N PRO B 52 -15.85 4.81 20.16
CA PRO B 52 -15.98 3.35 20.31
C PRO B 52 -14.72 2.65 20.84
N ILE B 53 -13.55 3.02 20.34
CA ILE B 53 -12.31 2.35 20.72
C ILE B 53 -12.01 2.51 22.22
N LEU B 54 -12.38 3.66 22.79
CA LEU B 54 -12.14 3.93 24.21
C LEU B 54 -13.29 3.44 25.07
N SER B 55 -14.32 2.89 24.44
CA SER B 55 -15.52 2.44 25.17
C SER B 55 -15.16 1.45 26.27
N SER B 56 -15.88 1.52 27.39
CA SER B 56 -15.66 0.65 28.53
C SER B 56 -16.09 -0.79 28.22
N GLU B 57 -16.75 -0.97 27.08
CA GLU B 57 -17.21 -2.30 26.65
C GLU B 57 -16.07 -3.08 26.01
N ASP B 58 -16.01 -4.37 26.31
CA ASP B 58 -15.01 -5.26 25.71
C ASP B 58 -15.43 -5.63 24.29
N HIS B 59 -14.76 -5.02 23.31
CA HIS B 59 -15.12 -5.20 21.91
C HIS B 59 -13.96 -4.88 20.96
N ASP B 60 -13.94 -5.56 19.83
CA ASP B 60 -13.00 -5.25 18.74
C ASP B 60 -13.68 -4.35 17.74
N VAL B 61 -12.92 -3.80 16.80
CA VAL B 61 -13.49 -2.97 15.75
C VAL B 61 -12.84 -3.24 14.40
N ILE B 62 -13.64 -3.20 13.34
CA ILE B 62 -13.16 -3.36 11.99
C ILE B 62 -13.68 -2.21 11.13
N ALA B 63 -13.07 -1.04 11.30
CA ALA B 63 -13.50 0.16 10.60
C ALA B 63 -13.02 0.17 9.15
N ARG B 64 -13.81 0.81 8.28
CA ARG B 64 -13.44 0.97 6.88
C ARG B 64 -13.71 2.40 6.42
N ALA B 65 -12.73 2.97 5.74
CA ALA B 65 -12.83 4.33 5.21
C ALA B 65 -11.96 4.49 3.97
N LYS B 66 -12.41 5.30 3.02
CA LYS B 66 -11.72 5.46 1.75
C LYS B 66 -10.31 6.03 1.91
N THR B 67 -9.55 5.99 0.83
CA THR B 67 -8.14 6.40 0.87
C THR B 67 -7.98 7.90 1.12
N GLY B 68 -6.92 8.25 1.84
CA GLY B 68 -6.58 9.65 2.08
C GLY B 68 -7.54 10.37 3.02
N THR B 69 -8.13 9.63 3.95
CA THR B 69 -9.11 10.18 4.87
C THR B 69 -8.72 9.94 6.34
N GLY B 70 -7.48 10.29 6.67
CA GLY B 70 -6.99 10.27 8.05
C GLY B 70 -7.28 9.03 8.86
N LYS B 71 -7.16 7.86 8.25
CA LYS B 71 -7.35 6.60 8.98
C LYS B 71 -6.25 6.39 10.01
N THR B 72 -5.10 7.01 9.79
CA THR B 72 -3.98 6.86 10.70
C THR B 72 -4.34 7.40 12.08
N PHE B 73 -4.57 8.72 12.16
CA PHE B 73 -4.95 9.37 13.42
C PHE B 73 -6.26 8.78 13.97
N ALA B 74 -7.06 8.19 13.09
CA ALA B 74 -8.34 7.61 13.48
C ALA B 74 -8.18 6.55 14.56
N PHE B 75 -7.05 5.83 14.52
CA PHE B 75 -6.74 4.87 15.58
C PHE B 75 -5.58 5.37 16.45
N LEU B 76 -4.74 6.23 15.88
CA LEU B 76 -3.55 6.70 16.58
C LEU B 76 -3.91 7.60 17.77
N ILE B 77 -5.01 8.35 17.63
CA ILE B 77 -5.42 9.27 18.69
C ILE B 77 -5.90 8.51 19.93
N PRO B 78 -6.80 7.51 19.76
CA PRO B 78 -7.20 6.67 20.88
C PRO B 78 -6.03 6.06 21.66
N ILE B 79 -4.97 5.65 20.95
CA ILE B 79 -3.81 5.07 21.61
C ILE B 79 -3.26 6.05 22.64
N PHE B 80 -2.98 7.28 22.21
CA PHE B 80 -2.45 8.29 23.10
C PHE B 80 -3.41 8.59 24.26
N GLN B 81 -4.71 8.51 24.00
CA GLN B 81 -5.69 8.69 25.04
C GLN B 81 -5.58 7.59 26.08
N HIS B 82 -5.56 6.34 25.62
CA HIS B 82 -5.45 5.19 26.50
C HIS B 82 -4.11 5.23 27.26
N LEU B 83 -3.10 5.82 26.63
CA LEU B 83 -1.79 5.92 27.26
C LEU B 83 -1.78 6.94 28.39
N ILE B 84 -2.60 7.98 28.26
CA ILE B 84 -2.75 8.98 29.31
C ILE B 84 -3.60 8.41 30.45
N ASN B 85 -4.57 7.57 30.09
CA ASN B 85 -5.48 6.97 31.07
C ASN B 85 -4.82 5.87 31.89
N THR B 86 -3.54 5.60 31.63
CA THR B 86 -2.82 4.51 32.28
C THR B 86 -1.34 4.87 32.45
N LYS B 87 -1.07 6.15 32.69
CA LYS B 87 0.30 6.64 32.77
C LYS B 87 1.03 6.13 34.01
N PHE B 88 0.28 5.74 35.03
CA PHE B 88 0.87 5.29 36.28
C PHE B 88 1.19 3.80 36.26
N ASP B 89 0.37 3.02 35.56
CA ASP B 89 0.51 1.56 35.53
C ASP B 89 1.35 1.08 34.36
N SER B 90 2.49 0.47 34.67
CA SER B 90 3.35 -0.15 33.67
C SER B 90 3.77 0.86 32.60
N GLN B 91 4.39 1.95 33.04
CA GLN B 91 4.81 3.02 32.14
C GLN B 91 5.93 2.57 31.19
N TYR B 92 6.73 1.60 31.63
CA TYR B 92 7.92 1.21 30.89
C TYR B 92 7.64 0.01 29.97
N MET B 93 6.39 -0.14 29.53
CA MET B 93 5.98 -1.30 28.76
C MET B 93 5.14 -0.93 27.54
N VAL B 94 5.27 -1.72 26.48
CA VAL B 94 4.47 -1.54 25.27
C VAL B 94 3.01 -1.85 25.56
N LYS B 95 2.13 -0.93 25.19
CA LYS B 95 0.70 -1.09 25.44
C LYS B 95 -0.09 -1.17 24.13
N ALA B 96 0.56 -0.85 23.02
CA ALA B 96 -0.08 -0.88 21.71
C ALA B 96 0.92 -1.26 20.62
N VAL B 97 0.53 -2.23 19.79
CA VAL B 97 1.37 -2.70 18.70
C VAL B 97 0.66 -2.46 17.36
N ILE B 98 1.29 -1.68 16.50
CA ILE B 98 0.76 -1.41 15.17
C ILE B 98 1.56 -2.20 14.14
N VAL B 99 0.83 -2.91 13.27
CA VAL B 99 1.45 -3.73 12.23
C VAL B 99 1.02 -3.23 10.85
N ALA B 100 1.94 -3.27 9.88
CA ALA B 100 1.66 -2.82 8.52
C ALA B 100 2.34 -3.70 7.48
N PRO B 101 1.83 -3.71 6.23
CA PRO B 101 2.34 -4.61 5.20
C PRO B 101 3.75 -4.28 4.71
N THR B 102 4.09 -2.99 4.63
CA THR B 102 5.39 -2.56 4.11
C THR B 102 6.18 -1.78 5.14
N ARG B 103 7.51 -1.85 5.02
CA ARG B 103 8.41 -1.17 5.93
C ARG B 103 8.21 0.34 5.94
N ASP B 104 8.06 0.90 4.75
CA ASP B 104 8.00 2.35 4.58
C ASP B 104 6.75 2.91 5.24
N LEU B 105 5.68 2.10 5.23
CA LEU B 105 4.43 2.50 5.87
C LEU B 105 4.58 2.49 7.39
N ALA B 106 5.24 1.47 7.92
CA ALA B 106 5.46 1.39 9.35
C ALA B 106 6.26 2.60 9.84
N LEU B 107 7.25 3.01 9.04
CA LEU B 107 8.06 4.16 9.39
C LEU B 107 7.27 5.46 9.25
N GLN B 108 6.30 5.45 8.33
CA GLN B 108 5.44 6.60 8.14
C GLN B 108 4.54 6.80 9.36
N ILE B 109 3.92 5.72 9.82
CA ILE B 109 3.06 5.76 11.00
C ILE B 109 3.85 6.26 12.19
N GLU B 110 5.11 5.83 12.30
CA GLU B 110 6.00 6.31 13.35
C GLU B 110 6.18 7.82 13.22
N ALA B 111 6.42 8.28 12.00
CA ALA B 111 6.64 9.69 11.73
C ALA B 111 5.41 10.51 12.11
N GLU B 112 4.24 9.89 12.02
CA GLU B 112 3.00 10.54 12.38
C GLU B 112 2.86 10.63 13.91
N VAL B 113 3.39 9.63 14.60
CA VAL B 113 3.45 9.67 16.06
C VAL B 113 4.42 10.76 16.49
N LYS B 114 5.47 10.94 15.71
CA LYS B 114 6.49 11.95 15.98
C LYS B 114 5.96 13.35 15.73
N LYS B 115 4.89 13.45 14.93
CA LYS B 115 4.23 14.73 14.69
C LYS B 115 3.39 15.13 15.89
N ILE B 116 2.76 14.15 16.52
CA ILE B 116 1.99 14.39 17.74
C ILE B 116 2.94 14.86 18.85
N HIS B 117 4.15 14.31 18.86
CA HIS B 117 5.16 14.68 19.84
C HIS B 117 5.65 16.11 19.63
N ASP B 118 5.62 16.59 18.39
CA ASP B 118 6.06 17.94 18.07
C ASP B 118 5.00 18.97 18.41
N MET B 119 3.73 18.57 18.32
CA MET B 119 2.63 19.46 18.65
C MET B 119 2.35 19.49 20.16
N ASN B 120 3.12 18.73 20.92
CA ASN B 120 2.98 18.69 22.37
C ASN B 120 4.14 17.93 22.99
N TYR B 121 5.12 18.65 23.52
CA TYR B 121 6.29 18.03 24.12
C TYR B 121 5.91 17.22 25.35
N GLY B 122 4.70 17.44 25.87
CA GLY B 122 4.22 16.72 27.03
C GLY B 122 3.82 15.30 26.73
N LEU B 123 3.83 14.94 25.45
CA LEU B 123 3.43 13.61 25.01
C LEU B 123 4.64 12.74 24.66
N LYS B 124 5.83 13.32 24.68
CA LYS B 124 7.05 12.59 24.36
C LYS B 124 7.33 11.51 25.40
N LYS B 125 6.79 11.67 26.60
CA LYS B 125 6.96 10.68 27.66
C LYS B 125 6.52 9.29 27.19
N TYR B 126 5.52 9.26 26.32
CA TYR B 126 5.03 8.02 25.74
C TYR B 126 5.83 7.70 24.47
N ALA B 127 7.01 7.13 24.67
CA ALA B 127 7.96 6.95 23.57
C ALA B 127 7.48 5.95 22.54
N CYS B 128 8.08 6.01 21.36
CA CYS B 128 7.72 5.15 20.25
C CYS B 128 8.97 4.58 19.58
N VAL B 129 8.91 3.31 19.21
CA VAL B 129 10.00 2.68 18.45
C VAL B 129 9.43 1.88 17.28
N SER B 130 10.14 1.92 16.16
CA SER B 130 9.74 1.16 14.97
C SER B 130 10.61 -0.07 14.83
N LEU B 131 9.97 -1.24 14.76
CA LEU B 131 10.69 -2.51 14.61
C LEU B 131 10.48 -3.05 13.19
N VAL B 132 11.41 -2.70 12.31
CA VAL B 132 11.25 -2.95 10.89
C VAL B 132 12.49 -3.60 10.30
N GLY B 133 12.29 -4.48 9.32
CA GLY B 133 13.39 -5.14 8.65
C GLY B 133 14.24 -4.19 7.82
N GLY B 134 15.51 -4.53 7.63
CA GLY B 134 16.42 -3.71 6.86
C GLY B 134 17.26 -2.79 7.73
N THR B 135 16.80 -2.59 8.96
CA THR B 135 17.52 -1.75 9.92
C THR B 135 18.34 -2.63 10.86
N ASP B 136 19.34 -2.03 11.52
CA ASP B 136 20.20 -2.80 12.43
C ASP B 136 19.40 -3.28 13.64
N PHE B 137 19.45 -4.58 13.88
CA PHE B 137 18.65 -5.21 14.92
C PHE B 137 19.08 -4.77 16.31
N ARG B 138 20.38 -4.75 16.55
CA ARG B 138 20.91 -4.41 17.87
C ARG B 138 20.58 -2.97 18.23
N ALA B 139 20.59 -2.10 17.22
CA ALA B 139 20.32 -0.68 17.44
C ALA B 139 18.88 -0.45 17.90
N ALA B 140 17.96 -1.23 17.34
CA ALA B 140 16.55 -1.12 17.69
C ALA B 140 16.32 -1.52 19.14
N MET B 141 16.89 -2.64 19.55
CA MET B 141 16.76 -3.11 20.92
C MET B 141 17.40 -2.14 21.91
N ASN B 142 18.53 -1.58 21.51
CA ASN B 142 19.19 -0.56 22.32
C ASN B 142 18.26 0.63 22.50
N LYS B 143 17.58 1.01 21.41
CA LYS B 143 16.62 2.10 21.46
C LYS B 143 15.41 1.71 22.31
N MET B 144 15.04 0.44 22.25
CA MET B 144 13.92 -0.06 23.03
C MET B 144 14.22 -0.02 24.53
N ASN B 145 15.44 -0.39 24.89
CA ASN B 145 15.87 -0.36 26.29
C ASN B 145 15.96 1.07 26.81
N LYS B 146 16.47 1.96 25.96
CA LYS B 146 16.68 3.35 26.33
C LYS B 146 15.35 4.07 26.52
N LEU B 147 14.50 4.03 25.50
CA LEU B 147 13.25 4.79 25.51
C LEU B 147 12.14 4.10 26.31
N ARG B 148 12.13 2.77 26.28
CA ARG B 148 11.09 1.99 26.94
C ARG B 148 9.71 2.47 26.48
N PRO B 149 9.42 2.30 25.18
CA PRO B 149 8.23 2.87 24.54
C PRO B 149 6.93 2.21 24.96
N ASN B 150 5.84 2.94 24.75
CA ASN B 150 4.50 2.42 24.98
C ASN B 150 3.81 2.08 23.66
N ILE B 151 4.36 2.62 22.56
CA ILE B 151 3.85 2.34 21.22
C ILE B 151 4.93 1.66 20.38
N VAL B 152 4.56 0.56 19.74
CA VAL B 152 5.46 -0.15 18.84
C VAL B 152 4.83 -0.25 17.46
N ILE B 153 5.61 0.10 16.44
CA ILE B 153 5.14 0.03 15.06
C ILE B 153 6.10 -0.87 14.27
N ALA B 154 5.60 -1.99 13.76
CA ALA B 154 6.47 -2.99 13.17
C ALA B 154 5.94 -3.61 11.86
N THR B 155 6.83 -4.33 11.19
CA THR B 155 6.45 -5.19 10.09
C THR B 155 6.47 -6.63 10.61
N PRO B 156 5.54 -7.48 10.11
CA PRO B 156 5.31 -8.81 10.69
C PRO B 156 6.60 -9.60 10.95
N GLY B 157 7.48 -9.66 9.96
CA GLY B 157 8.70 -10.45 10.07
C GLY B 157 9.60 -10.02 11.21
N ARG B 158 10.06 -8.78 11.16
CA ARG B 158 10.96 -8.26 12.19
C ARG B 158 10.31 -8.34 13.58
N LEU B 159 9.00 -8.11 13.63
CA LEU B 159 8.28 -8.16 14.89
C LEU B 159 8.39 -9.54 15.54
N ILE B 160 8.22 -10.60 14.73
CA ILE B 160 8.34 -11.97 15.23
C ILE B 160 9.75 -12.24 15.75
N ASP B 161 10.74 -11.72 15.03
CA ASP B 161 12.13 -11.91 15.42
C ASP B 161 12.37 -11.36 16.82
N VAL B 162 11.77 -10.20 17.08
CA VAL B 162 11.91 -9.57 18.39
C VAL B 162 11.06 -10.29 19.43
N LEU B 163 9.84 -10.66 19.05
CA LEU B 163 8.91 -11.30 19.98
C LEU B 163 9.43 -12.66 20.46
N GLU B 164 10.10 -13.39 19.56
CA GLU B 164 10.63 -14.71 19.90
C GLU B 164 11.92 -14.61 20.72
N LYS B 165 12.28 -13.40 21.12
CA LYS B 165 13.54 -13.17 21.84
C LYS B 165 13.37 -12.25 23.06
N TYR B 166 12.41 -11.32 23.00
CA TYR B 166 12.28 -10.30 24.04
C TYR B 166 10.82 -10.03 24.42
N SER B 167 9.98 -11.05 24.38
CA SER B 167 8.57 -10.89 24.67
C SER B 167 8.33 -10.51 26.14
N ASN B 168 8.95 -11.26 27.05
CA ASN B 168 8.73 -11.06 28.48
C ASN B 168 9.17 -9.69 28.97
N LYS B 169 10.01 -9.03 28.19
CA LYS B 169 10.61 -7.76 28.63
C LYS B 169 9.74 -6.54 28.32
N PHE B 170 9.08 -6.56 27.16
CA PHE B 170 8.37 -5.36 26.69
C PHE B 170 6.89 -5.61 26.41
N PHE B 171 6.58 -6.75 25.78
CA PHE B 171 5.23 -6.99 25.28
C PHE B 171 4.40 -7.88 26.21
N ARG B 172 4.45 -7.59 27.50
CA ARG B 172 3.76 -8.42 28.49
C ARG B 172 2.52 -7.74 29.05
N PHE B 173 2.26 -6.51 28.61
CA PHE B 173 1.13 -5.72 29.09
C PHE B 173 0.44 -4.97 27.95
N VAL B 174 0.48 -5.55 26.75
CA VAL B 174 -0.17 -4.96 25.58
C VAL B 174 -1.68 -4.98 25.76
N ASP B 175 -2.34 -3.87 25.40
CA ASP B 175 -3.78 -3.72 25.53
C ASP B 175 -4.45 -3.51 24.17
N TYR B 176 -3.70 -2.97 23.23
CA TYR B 176 -4.22 -2.70 21.89
C TYR B 176 -3.34 -3.35 20.81
N LYS B 177 -3.95 -3.61 19.66
CA LYS B 177 -3.27 -4.27 18.54
C LYS B 177 -3.89 -3.81 17.24
N VAL B 178 -3.12 -3.08 16.44
CA VAL B 178 -3.64 -2.43 15.24
C VAL B 178 -3.17 -3.12 13.97
N LEU B 179 -4.14 -3.47 13.12
CA LEU B 179 -3.88 -4.00 11.79
C LEU B 179 -4.23 -2.95 10.74
N ASP B 180 -3.24 -2.17 10.34
CA ASP B 180 -3.43 -1.20 9.25
C ASP B 180 -3.29 -1.95 7.93
N GLU B 181 -4.19 -1.67 6.99
CA GLU B 181 -4.31 -2.46 5.75
C GLU B 181 -4.60 -3.91 6.13
N ALA B 182 -5.59 -4.08 7.00
CA ALA B 182 -5.88 -5.37 7.61
C ALA B 182 -6.07 -6.47 6.58
N ASP B 183 -6.88 -6.20 5.57
CA ASP B 183 -7.20 -7.20 4.54
C ASP B 183 -5.92 -7.81 3.96
N ARG B 184 -4.98 -6.96 3.57
CA ARG B 184 -3.69 -7.40 3.04
C ARG B 184 -2.95 -8.27 4.07
N LEU B 185 -3.03 -7.88 5.34
CA LEU B 185 -2.34 -8.60 6.40
C LEU B 185 -3.02 -9.93 6.72
N LEU B 186 -4.24 -10.10 6.24
CA LEU B 186 -4.99 -11.33 6.45
C LEU B 186 -5.01 -12.20 5.18
N GLU B 187 -4.25 -11.80 4.17
CA GLU B 187 -4.09 -12.59 2.97
C GLU B 187 -3.10 -13.72 3.21
N ILE B 188 -3.08 -14.68 2.29
CA ILE B 188 -2.18 -15.82 2.41
C ILE B 188 -0.74 -15.32 2.26
N GLY B 189 0.10 -15.64 3.24
CA GLY B 189 1.48 -15.18 3.27
C GLY B 189 1.73 -14.25 4.45
N PHE B 190 0.68 -13.57 4.89
CA PHE B 190 0.74 -12.70 6.07
C PHE B 190 -0.11 -13.24 7.22
N ARG B 191 -1.10 -14.06 6.90
CA ARG B 191 -2.07 -14.52 7.89
C ARG B 191 -1.42 -15.39 8.97
N ASP B 192 -0.55 -16.30 8.55
CA ASP B 192 0.15 -17.18 9.48
C ASP B 192 1.07 -16.37 10.38
N ASP B 193 1.70 -15.34 9.80
CA ASP B 193 2.59 -14.45 10.55
C ASP B 193 1.81 -13.68 11.61
N LEU B 194 0.67 -13.11 11.22
CA LEU B 194 -0.19 -12.38 12.15
C LEU B 194 -0.71 -13.27 13.26
N GLU B 195 -1.12 -14.48 12.91
CA GLU B 195 -1.61 -15.43 13.89
C GLU B 195 -0.51 -15.79 14.88
N THR B 196 0.74 -15.72 14.43
CA THR B 196 1.88 -15.95 15.30
C THR B 196 2.11 -14.75 16.23
N ILE B 197 1.95 -13.54 15.70
CA ILE B 197 2.07 -12.33 16.51
C ILE B 197 1.03 -12.36 17.62
N SER B 198 -0.22 -12.55 17.21
CA SER B 198 -1.36 -12.56 18.13
C SER B 198 -1.18 -13.58 19.25
N GLY B 199 -0.89 -14.82 18.85
CA GLY B 199 -0.75 -15.91 19.81
C GLY B 199 0.28 -15.63 20.90
N ILE B 200 1.40 -15.03 20.50
CA ILE B 200 2.46 -14.74 21.46
C ILE B 200 2.01 -13.65 22.43
N LEU B 201 1.44 -12.57 21.89
CA LEU B 201 1.00 -11.45 22.72
C LEU B 201 -0.08 -11.87 23.71
N ASN B 202 -0.99 -12.74 23.26
CA ASN B 202 -2.08 -13.19 24.11
C ASN B 202 -1.62 -14.23 25.13
N GLU B 203 -0.61 -15.01 24.77
CA GLU B 203 -0.05 -16.00 25.69
C GLU B 203 0.77 -15.32 26.79
N LYS B 204 1.27 -14.13 26.50
CA LYS B 204 2.18 -13.44 27.40
C LYS B 204 1.48 -12.36 28.21
N ASN B 205 0.31 -11.92 27.76
CA ASN B 205 -0.43 -10.88 28.45
C ASN B 205 -0.70 -11.25 29.89
N SER B 206 -0.37 -10.34 30.81
CA SER B 206 -0.39 -10.61 32.23
C SER B 206 -1.82 -10.76 32.80
N LYS B 207 -2.72 -9.91 32.34
CA LYS B 207 -4.10 -9.95 32.82
C LYS B 207 -4.81 -11.23 32.39
N SER B 208 -4.99 -11.39 31.09
CA SER B 208 -5.65 -12.57 30.53
C SER B 208 -5.28 -12.71 29.07
N ALA B 209 -5.65 -13.85 28.48
CA ALA B 209 -5.34 -14.12 27.08
C ALA B 209 -6.40 -13.53 26.14
N ASP B 210 -7.28 -12.71 26.69
CA ASP B 210 -8.32 -12.04 25.91
C ASP B 210 -8.35 -10.55 26.26
N ASN B 211 -7.30 -10.09 26.91
CA ASN B 211 -7.22 -8.69 27.33
C ASN B 211 -7.04 -7.73 26.15
N ILE B 212 -6.26 -8.15 25.16
CA ILE B 212 -5.92 -7.29 24.03
C ILE B 212 -7.14 -7.06 23.13
N LYS B 213 -7.37 -5.79 22.81
CA LYS B 213 -8.40 -5.40 21.84
C LYS B 213 -7.75 -5.18 20.47
N THR B 214 -8.43 -5.62 19.41
CA THR B 214 -7.87 -5.56 18.07
C THR B 214 -8.61 -4.53 17.20
N LEU B 215 -7.85 -3.78 16.41
CA LEU B 215 -8.40 -2.76 15.52
C LEU B 215 -8.00 -3.03 14.07
N LEU B 216 -8.99 -3.17 13.21
CA LEU B 216 -8.76 -3.43 11.78
C LEU B 216 -9.13 -2.21 10.94
N PHE B 217 -8.23 -1.83 10.04
CA PHE B 217 -8.41 -0.64 9.20
C PHE B 217 -7.95 -0.89 7.76
N SER B 218 -8.74 -0.41 6.81
CA SER B 218 -8.39 -0.48 5.39
C SER B 218 -9.44 0.20 4.52
N ALA B 219 -9.05 0.56 3.30
CA ALA B 219 -9.96 1.17 2.34
C ALA B 219 -10.78 0.12 1.59
N THR B 220 -10.34 -1.14 1.68
CA THR B 220 -11.03 -2.26 1.03
C THR B 220 -11.34 -3.36 2.05
N LEU B 221 -12.58 -3.35 2.55
CA LEU B 221 -13.01 -4.35 3.53
C LEU B 221 -14.48 -4.70 3.38
N ASP B 222 -14.78 -5.97 3.65
CA ASP B 222 -16.15 -6.42 3.79
C ASP B 222 -16.22 -7.30 5.03
N ASP B 223 -17.29 -8.07 5.19
CA ASP B 223 -17.47 -8.87 6.39
C ASP B 223 -16.70 -10.19 6.32
N LYS B 224 -16.07 -10.47 5.19
CA LYS B 224 -15.30 -11.70 5.02
C LYS B 224 -14.02 -11.70 5.85
N VAL B 225 -13.53 -10.51 6.20
CA VAL B 225 -12.29 -10.39 6.95
C VAL B 225 -12.46 -10.85 8.39
N GLN B 226 -13.67 -10.71 8.91
CA GLN B 226 -13.96 -11.11 10.28
C GLN B 226 -13.76 -12.62 10.44
N LYS B 227 -14.06 -13.37 9.38
CA LYS B 227 -13.83 -14.81 9.39
C LYS B 227 -12.34 -15.11 9.40
N LEU B 228 -11.59 -14.36 8.59
CA LEU B 228 -10.15 -14.55 8.50
C LEU B 228 -9.45 -14.09 9.78
N ALA B 229 -10.07 -13.15 10.48
CA ALA B 229 -9.50 -12.56 11.68
C ALA B 229 -10.01 -13.22 12.96
N ASN B 230 -10.98 -14.13 12.82
CA ASN B 230 -11.60 -14.75 13.99
C ASN B 230 -10.60 -15.43 14.92
N ASN B 231 -9.41 -15.71 14.39
CA ASN B 231 -8.37 -16.38 15.17
C ASN B 231 -7.49 -15.39 15.94
N ILE B 232 -7.59 -14.10 15.60
CA ILE B 232 -6.79 -13.06 16.25
C ILE B 232 -7.66 -12.07 17.02
N MET B 233 -8.97 -12.26 16.96
CA MET B 233 -9.92 -11.40 17.65
C MET B 233 -10.37 -12.09 18.94
N ASN B 234 -10.13 -11.44 20.08
CA ASN B 234 -10.35 -12.05 21.39
C ASN B 234 -11.71 -11.73 22.00
N LYS B 235 -12.19 -10.51 21.76
CA LYS B 235 -13.46 -10.06 22.34
C LYS B 235 -14.65 -10.81 21.76
N LYS B 236 -15.77 -10.76 22.48
CA LYS B 236 -16.99 -11.43 22.05
C LYS B 236 -17.69 -10.65 20.93
N GLU B 237 -17.83 -9.34 21.14
CA GLU B 237 -18.50 -8.47 20.18
C GLU B 237 -17.48 -7.74 19.29
N CYS B 238 -17.88 -7.44 18.05
CA CYS B 238 -17.03 -6.73 17.12
C CYS B 238 -17.84 -5.68 16.34
N LEU B 239 -17.28 -4.48 16.23
CA LEU B 239 -17.99 -3.36 15.62
C LEU B 239 -17.45 -3.00 14.24
N PHE B 240 -18.27 -3.19 13.21
CA PHE B 240 -17.91 -2.81 11.85
C PHE B 240 -18.39 -1.39 11.56
N LEU B 241 -17.48 -0.43 11.62
CA LEU B 241 -17.81 0.98 11.36
C LEU B 241 -17.50 1.31 9.90
N ASP B 242 -18.54 1.60 9.13
CA ASP B 242 -18.39 1.85 7.69
C ASP B 242 -18.91 3.22 7.30
N THR B 243 -18.02 4.03 6.72
CA THR B 243 -18.40 5.34 6.19
C THR B 243 -18.65 5.25 4.70
N VAL B 244 -19.07 4.06 4.26
CA VAL B 244 -19.33 3.80 2.84
C VAL B 244 -20.52 2.87 2.70
N ASP B 245 -21.43 3.19 1.78
CA ASP B 245 -22.58 2.34 1.53
C ASP B 245 -22.13 0.99 1.00
N LYS B 246 -22.98 -0.02 1.16
CA LYS B 246 -22.63 -1.39 0.80
C LYS B 246 -22.19 -1.50 -0.65
N ASN B 247 -23.01 -1.00 -1.57
CA ASN B 247 -22.74 -1.12 -2.99
C ASN B 247 -21.83 -0.02 -3.53
N GLU B 248 -21.64 1.04 -2.73
CA GLU B 248 -20.84 2.18 -3.15
C GLU B 248 -19.40 1.75 -3.47
N PRO B 249 -18.78 2.36 -4.50
CA PRO B 249 -17.41 1.99 -4.83
C PRO B 249 -16.43 2.36 -3.72
N GLU B 250 -15.55 1.43 -3.37
CA GLU B 250 -14.54 1.67 -2.35
C GLU B 250 -13.53 2.70 -2.81
N ALA B 251 -13.45 2.92 -4.12
CA ALA B 251 -12.57 3.93 -4.68
C ALA B 251 -13.10 5.32 -4.36
N HIS B 252 -12.18 6.28 -4.24
CA HIS B 252 -12.57 7.65 -3.91
C HIS B 252 -13.22 8.31 -5.12
N GLU B 253 -14.16 9.20 -4.84
CA GLU B 253 -14.97 9.82 -5.90
C GLU B 253 -14.27 11.02 -6.54
N ARG B 254 -13.34 11.63 -5.81
CA ARG B 254 -12.65 12.82 -6.30
C ARG B 254 -11.58 12.49 -7.34
N ILE B 255 -11.37 11.20 -7.57
CA ILE B 255 -10.38 10.74 -8.53
C ILE B 255 -10.96 10.65 -9.93
N ASP B 256 -10.38 11.40 -10.87
CA ASP B 256 -10.82 11.37 -12.26
C ASP B 256 -10.15 10.22 -12.99
N GLN B 257 -10.81 9.06 -13.00
CA GLN B 257 -10.23 7.85 -13.56
C GLN B 257 -10.38 7.77 -15.08
N SER B 258 -9.33 7.28 -15.73
CA SER B 258 -9.34 7.04 -17.17
C SER B 258 -8.53 5.79 -17.47
N VAL B 259 -8.82 5.16 -18.61
CA VAL B 259 -8.10 3.97 -19.04
C VAL B 259 -7.70 4.11 -20.50
N VAL B 260 -6.45 3.78 -20.80
CA VAL B 260 -5.93 3.87 -22.16
C VAL B 260 -5.66 2.46 -22.69
N ILE B 261 -6.61 1.97 -23.48
CA ILE B 261 -6.51 0.65 -24.07
C ILE B 261 -5.60 0.71 -25.30
N SER B 262 -4.84 -0.35 -25.52
CA SER B 262 -3.87 -0.38 -26.60
C SER B 262 -3.82 -1.75 -27.28
N GLU B 263 -3.20 -1.80 -28.46
CA GLU B 263 -3.06 -3.06 -29.20
C GLU B 263 -2.20 -4.05 -28.43
N LYS B 264 -0.88 -3.82 -28.42
CA LYS B 264 0.06 -4.67 -27.72
C LYS B 264 0.33 -4.16 -26.32
N PHE B 265 1.06 -4.95 -25.53
CA PHE B 265 1.40 -4.56 -24.17
C PHE B 265 2.47 -3.47 -24.15
N ALA B 266 3.51 -3.67 -24.96
CA ALA B 266 4.63 -2.74 -25.02
C ALA B 266 4.18 -1.34 -25.39
N ASN B 267 3.07 -1.25 -26.12
CA ASN B 267 2.56 0.04 -26.58
C ASN B 267 2.06 0.91 -25.43
N SER B 268 1.86 0.30 -24.27
CA SER B 268 1.47 1.06 -23.08
C SER B 268 2.62 1.93 -22.61
N ILE B 269 3.85 1.48 -22.87
CA ILE B 269 5.04 2.25 -22.53
C ILE B 269 5.06 3.55 -23.32
N PHE B 270 4.85 3.43 -24.63
CA PHE B 270 4.85 4.59 -25.51
C PHE B 270 3.71 5.55 -25.14
N ALA B 271 2.55 4.98 -24.80
CA ALA B 271 1.40 5.77 -24.40
C ALA B 271 1.69 6.58 -23.14
N ALA B 272 2.36 5.94 -22.18
CA ALA B 272 2.67 6.59 -20.91
C ALA B 272 3.63 7.74 -21.10
N VAL B 273 4.69 7.52 -21.87
CA VAL B 273 5.68 8.56 -22.14
C VAL B 273 5.01 9.75 -22.81
N GLU B 274 4.09 9.48 -23.73
CA GLU B 274 3.37 10.55 -24.43
C GLU B 274 2.49 11.34 -23.46
N HIS B 275 1.84 10.62 -22.55
CA HIS B 275 0.97 11.27 -21.58
C HIS B 275 1.78 12.18 -20.67
N ILE B 276 2.91 11.69 -20.19
CA ILE B 276 3.78 12.46 -19.31
C ILE B 276 4.39 13.65 -20.04
N LYS B 277 4.98 13.39 -21.21
CA LYS B 277 5.61 14.43 -22.01
C LYS B 277 4.63 15.58 -22.27
N LYS B 278 3.37 15.22 -22.49
CA LYS B 278 2.32 16.22 -22.67
C LYS B 278 2.02 16.93 -21.36
N GLN B 279 1.95 16.15 -20.28
CA GLN B 279 1.58 16.69 -18.97
C GLN B 279 2.67 17.60 -18.41
N ILE B 280 3.91 17.36 -18.80
CA ILE B 280 5.03 18.21 -18.39
C ILE B 280 4.95 19.58 -19.07
N LYS B 281 4.84 19.57 -20.40
CA LYS B 281 4.74 20.82 -21.16
C LYS B 281 3.47 21.58 -20.81
N GLU B 282 2.41 20.85 -20.48
CA GLU B 282 1.11 21.45 -20.21
C GLU B 282 1.06 22.06 -18.81
N ARG B 283 1.90 21.54 -17.91
CA ARG B 283 2.02 22.07 -16.55
C ARG B 283 3.32 22.86 -16.37
N ASP B 284 4.10 22.97 -17.44
CA ASP B 284 5.40 23.63 -17.40
C ASP B 284 6.26 23.04 -16.28
N SER B 285 6.68 21.79 -16.46
CA SER B 285 7.24 21.00 -15.37
C SER B 285 6.23 21.08 -14.23
N ASN B 286 6.71 21.23 -13.00
CA ASN B 286 5.80 21.37 -11.86
C ASN B 286 4.77 20.25 -11.91
N TYR B 287 5.29 19.02 -11.88
CA TYR B 287 4.48 17.83 -12.07
C TYR B 287 4.94 16.73 -11.14
N LYS B 288 4.03 16.27 -10.28
CA LYS B 288 4.32 15.21 -9.32
C LYS B 288 3.41 14.02 -9.60
N ALA B 289 4.02 12.90 -10.01
CA ALA B 289 3.26 11.72 -10.40
C ALA B 289 3.91 10.44 -9.91
N ILE B 290 3.08 9.41 -9.75
CA ILE B 290 3.55 8.08 -9.38
C ILE B 290 3.19 7.09 -10.49
N ILE B 291 4.18 6.32 -10.93
CA ILE B 291 3.97 5.32 -11.98
C ILE B 291 4.18 3.91 -11.44
N PHE B 292 3.12 3.12 -11.44
CA PHE B 292 3.16 1.74 -10.93
C PHE B 292 3.50 0.74 -12.03
N ALA B 293 4.19 -0.33 -11.65
CA ALA B 293 4.54 -1.41 -12.56
C ALA B 293 4.31 -2.76 -11.86
N PRO B 294 4.23 -3.84 -12.64
CA PRO B 294 3.93 -5.16 -12.05
C PRO B 294 5.16 -5.93 -11.59
N THR B 295 6.36 -5.41 -11.88
CA THR B 295 7.58 -6.17 -11.69
C THR B 295 8.76 -5.27 -11.31
N VAL B 296 9.65 -5.79 -10.47
CA VAL B 296 10.86 -5.07 -10.07
C VAL B 296 11.77 -4.77 -11.26
N LYS B 297 12.06 -5.81 -12.04
CA LYS B 297 12.93 -5.67 -13.21
C LYS B 297 12.34 -4.71 -14.24
N PHE B 298 11.03 -4.74 -14.40
CA PHE B 298 10.36 -3.84 -15.36
C PHE B 298 10.25 -2.44 -14.77
N THR B 299 10.25 -2.34 -13.45
CA THR B 299 10.27 -1.05 -12.79
C THR B 299 11.61 -0.38 -13.06
N SER B 300 12.70 -1.13 -12.88
CA SER B 300 14.04 -0.61 -13.12
C SER B 300 14.23 -0.24 -14.58
N PHE B 301 13.68 -1.07 -15.46
CA PHE B 301 13.77 -0.82 -16.90
C PHE B 301 12.99 0.43 -17.27
N LEU B 302 11.73 0.49 -16.84
CA LEU B 302 10.88 1.64 -17.09
C LEU B 302 11.51 2.92 -16.55
N CYS B 303 12.22 2.79 -15.43
CA CYS B 303 12.88 3.94 -14.81
C CYS B 303 14.02 4.41 -15.70
N SER B 304 14.72 3.46 -16.32
CA SER B 304 15.83 3.78 -17.22
C SER B 304 15.34 4.59 -18.42
N ILE B 305 14.17 4.25 -18.93
CA ILE B 305 13.58 4.96 -20.06
C ILE B 305 13.22 6.39 -19.67
N LEU B 306 12.52 6.54 -18.55
CA LEU B 306 12.06 7.85 -18.09
C LEU B 306 13.21 8.76 -17.70
N LYS B 307 14.33 8.17 -17.27
CA LYS B 307 15.53 8.94 -16.99
C LYS B 307 16.07 9.56 -18.28
N ASN B 308 16.36 8.73 -19.27
CA ASN B 308 16.88 9.22 -20.54
C ASN B 308 15.89 10.15 -21.25
N GLU B 309 14.62 10.08 -20.86
CA GLU B 309 13.57 10.85 -21.52
C GLU B 309 13.20 12.14 -20.76
N PHE B 310 13.12 12.06 -19.42
CA PHE B 310 12.55 13.13 -18.61
C PHE B 310 13.43 13.63 -17.46
N LYS B 311 14.64 13.08 -17.32
CA LYS B 311 15.52 13.49 -16.22
C LYS B 311 15.89 14.96 -16.32
N LYS B 312 15.83 15.51 -17.52
CA LYS B 312 16.15 16.91 -17.75
C LYS B 312 15.08 17.82 -17.13
N ASP B 313 13.85 17.34 -17.10
CA ASP B 313 12.71 18.12 -16.61
C ASP B 313 12.43 17.86 -15.13
N LEU B 314 12.29 16.58 -14.78
CA LEU B 314 11.95 16.18 -13.42
C LEU B 314 12.88 15.08 -12.92
N PRO B 315 13.08 15.00 -11.59
CA PRO B 315 13.84 13.88 -11.03
C PRO B 315 13.05 12.57 -11.11
N ILE B 316 13.74 11.47 -11.39
CA ILE B 316 13.10 10.16 -11.52
C ILE B 316 13.55 9.24 -10.39
N LEU B 317 12.61 8.84 -9.54
CA LEU B 317 12.91 8.05 -8.35
C LEU B 317 12.48 6.58 -8.49
N GLU B 318 13.44 5.67 -8.36
CA GLU B 318 13.18 4.24 -8.38
C GLU B 318 12.88 3.74 -6.97
N PHE B 319 11.82 2.94 -6.84
CA PHE B 319 11.33 2.54 -5.52
C PHE B 319 10.75 1.12 -5.54
N HIS B 320 11.48 0.18 -4.95
CA HIS B 320 11.01 -1.19 -4.86
C HIS B 320 11.83 -1.96 -3.83
N GLY B 321 11.42 -3.21 -3.59
CA GLY B 321 11.97 -4.01 -2.52
C GLY B 321 13.43 -4.41 -2.67
N LYS B 322 13.95 -4.33 -3.88
CA LYS B 322 15.35 -4.68 -4.14
C LYS B 322 16.27 -3.47 -3.96
N ILE B 323 15.71 -2.35 -3.53
CA ILE B 323 16.50 -1.19 -3.15
C ILE B 323 16.79 -1.25 -1.66
N THR B 324 18.00 -0.89 -1.28
CA THR B 324 18.41 -0.91 0.13
C THR B 324 17.45 -0.06 0.98
N GLN B 325 17.18 -0.52 2.19
CA GLN B 325 16.19 0.11 3.05
C GLN B 325 16.59 1.55 3.40
N ASN B 326 17.89 1.79 3.48
CA ASN B 326 18.39 3.16 3.67
C ASN B 326 17.92 4.07 2.55
N LYS B 327 18.15 3.65 1.31
CA LYS B 327 17.73 4.42 0.14
C LYS B 327 16.21 4.54 0.08
N ARG B 328 15.51 3.47 0.44
CA ARG B 328 14.05 3.47 0.43
C ARG B 328 13.51 4.60 1.31
N THR B 329 14.01 4.66 2.55
CA THR B 329 13.58 5.69 3.48
C THR B 329 13.95 7.07 2.95
N SER B 330 15.16 7.18 2.41
CA SER B 330 15.68 8.45 1.91
C SER B 330 14.81 9.07 0.80
N LEU B 331 14.42 8.25 -0.17
CA LEU B 331 13.66 8.76 -1.31
C LEU B 331 12.20 9.01 -0.96
N VAL B 332 11.70 8.28 0.03
CA VAL B 332 10.33 8.49 0.50
C VAL B 332 10.24 9.84 1.19
N LYS B 333 11.28 10.20 1.93
CA LYS B 333 11.35 11.51 2.56
C LYS B 333 11.34 12.61 1.50
N ARG B 334 12.20 12.45 0.50
CA ARG B 334 12.32 13.49 -0.53
C ARG B 334 11.03 13.66 -1.31
N PHE B 335 10.43 12.56 -1.74
CA PHE B 335 9.23 12.64 -2.57
C PHE B 335 8.05 13.19 -1.78
N LYS B 336 8.15 13.12 -0.45
CA LYS B 336 7.13 13.67 0.43
C LYS B 336 7.17 15.20 0.44
N LYS B 337 8.36 15.77 0.29
CA LYS B 337 8.54 17.22 0.34
C LYS B 337 8.82 17.84 -1.04
N ASP B 338 9.11 17.00 -2.03
CA ASP B 338 9.32 17.47 -3.39
C ASP B 338 8.03 17.98 -4.01
N GLU B 339 8.09 19.14 -4.66
CA GLU B 339 6.91 19.71 -5.30
C GLU B 339 6.61 18.98 -6.61
N SER B 340 7.66 18.45 -7.24
CA SER B 340 7.54 17.75 -8.51
C SER B 340 8.46 16.54 -8.55
N GLY B 341 8.23 15.66 -9.54
CA GLY B 341 9.05 14.48 -9.71
C GLY B 341 8.24 13.25 -10.02
N ILE B 342 8.86 12.30 -10.72
CA ILE B 342 8.22 11.03 -11.07
C ILE B 342 8.69 9.94 -10.12
N LEU B 343 7.75 9.32 -9.42
CA LEU B 343 8.04 8.17 -8.57
C LEU B 343 7.68 6.87 -9.29
N VAL B 344 8.70 6.14 -9.72
CA VAL B 344 8.53 4.86 -10.42
C VAL B 344 8.69 3.71 -9.44
N CYS B 345 7.60 2.99 -9.17
CA CYS B 345 7.60 2.01 -8.10
C CYS B 345 6.79 0.75 -8.36
N THR B 346 7.03 -0.27 -7.53
CA THR B 346 6.22 -1.48 -7.51
C THR B 346 5.05 -1.29 -6.55
N ASP B 347 4.44 -2.39 -6.12
CA ASP B 347 3.27 -2.33 -5.25
C ASP B 347 3.63 -2.11 -3.78
N VAL B 348 4.91 -1.86 -3.50
CA VAL B 348 5.30 -1.42 -2.16
C VAL B 348 4.66 -0.08 -1.81
N GLY B 349 4.48 0.76 -2.81
CA GLY B 349 3.95 2.10 -2.62
C GLY B 349 2.48 2.20 -2.98
N ALA B 350 1.82 1.07 -3.08
CA ALA B 350 0.40 1.04 -3.41
C ALA B 350 -0.46 1.42 -2.22
N ARG B 351 -0.13 0.85 -1.05
CA ARG B 351 -0.95 1.03 0.14
C ARG B 351 -0.35 2.02 1.12
N GLY B 352 -1.22 2.77 1.80
CA GLY B 352 -0.84 3.53 2.97
C GLY B 352 0.02 4.76 2.74
N MET B 353 1.11 4.61 2.00
CA MET B 353 2.09 5.69 1.81
C MET B 353 1.43 6.99 1.38
N ASP B 354 1.75 8.06 2.10
CA ASP B 354 1.16 9.36 1.85
C ASP B 354 2.17 10.34 1.28
N PHE B 355 1.97 10.72 0.02
CA PHE B 355 2.77 11.73 -0.65
C PHE B 355 1.88 12.93 -0.96
N PRO B 356 2.03 14.03 -0.20
CA PRO B 356 1.15 15.18 -0.40
C PRO B 356 1.17 15.75 -1.81
N ASN B 357 -0.01 16.12 -2.32
CA ASN B 357 -0.14 16.86 -3.56
C ASN B 357 0.49 16.16 -4.76
N VAL B 358 0.12 14.91 -4.97
CA VAL B 358 0.53 14.18 -6.17
C VAL B 358 -0.61 14.32 -7.18
N HIS B 359 -0.29 14.88 -8.34
CA HIS B 359 -1.30 15.26 -9.33
C HIS B 359 -2.06 14.06 -9.86
N GLU B 360 -1.34 13.04 -10.31
CA GLU B 360 -1.98 11.87 -10.88
C GLU B 360 -1.16 10.60 -10.64
N VAL B 361 -1.84 9.46 -10.78
CA VAL B 361 -1.22 8.15 -10.64
C VAL B 361 -1.29 7.40 -11.97
N LEU B 362 -0.15 6.91 -12.43
CA LEU B 362 -0.06 6.17 -13.68
C LEU B 362 0.12 4.68 -13.41
N GLN B 363 -0.39 3.85 -14.31
CA GLN B 363 -0.27 2.40 -14.19
C GLN B 363 0.01 1.74 -15.54
N ILE B 364 1.20 1.19 -15.68
CA ILE B 364 1.52 0.36 -16.85
C ILE B 364 1.32 -1.11 -16.47
N GLY B 365 0.16 -1.64 -16.85
CA GLY B 365 -0.20 -3.00 -16.50
C GLY B 365 -1.19 -3.02 -15.35
N VAL B 366 -1.25 -4.15 -14.65
CA VAL B 366 -2.20 -4.34 -13.56
C VAL B 366 -1.48 -4.54 -12.22
N PRO B 367 -2.19 -4.30 -11.10
CA PRO B 367 -1.61 -4.51 -9.78
C PRO B 367 -1.51 -5.99 -9.40
N SER B 368 -0.77 -6.28 -8.34
CA SER B 368 -0.60 -7.65 -7.87
C SER B 368 -1.90 -8.17 -7.23
N GLU B 369 -2.80 -7.24 -6.93
CA GLU B 369 -4.09 -7.57 -6.32
C GLU B 369 -5.19 -6.70 -6.90
N LEU B 370 -6.38 -7.28 -7.07
CA LEU B 370 -7.51 -6.52 -7.58
C LEU B 370 -7.81 -5.33 -6.67
N ALA B 371 -7.71 -5.55 -5.37
CA ALA B 371 -7.96 -4.50 -4.39
C ALA B 371 -6.93 -3.38 -4.51
N ASN B 372 -5.71 -3.74 -4.88
CA ASN B 372 -4.62 -2.78 -4.97
C ASN B 372 -4.81 -1.74 -6.07
N TYR B 373 -5.82 -1.92 -6.92
CA TYR B 373 -6.16 -0.88 -7.88
C TYR B 373 -6.75 0.31 -7.12
N ILE B 374 -7.62 0.01 -6.16
CA ILE B 374 -8.25 1.02 -5.33
C ILE B 374 -7.21 1.75 -4.49
N HIS B 375 -6.19 1.01 -4.06
CA HIS B 375 -5.12 1.57 -3.25
C HIS B 375 -4.13 2.37 -4.08
N ARG B 376 -3.90 1.91 -5.31
CA ARG B 376 -2.96 2.58 -6.22
C ARG B 376 -3.40 4.01 -6.54
N ILE B 377 -4.62 4.16 -7.03
CA ILE B 377 -5.13 5.48 -7.37
C ILE B 377 -5.40 6.29 -6.11
N GLY B 378 -5.39 5.62 -4.97
CA GLY B 378 -5.62 6.27 -3.69
C GLY B 378 -4.44 7.13 -3.26
N ARG B 379 -3.31 7.03 -3.96
CA ARG B 379 -2.14 7.82 -3.63
C ARG B 379 -2.36 9.30 -3.93
N THR B 380 -3.31 9.60 -4.81
CA THR B 380 -3.67 10.97 -5.12
C THR B 380 -5.06 11.27 -4.56
N ALA B 381 -5.44 12.55 -4.57
CA ALA B 381 -6.71 13.01 -4.04
C ALA B 381 -6.84 12.69 -2.55
N ARG B 382 -5.78 12.99 -1.80
CA ARG B 382 -5.75 12.75 -0.36
C ARG B 382 -5.90 14.06 0.40
N SER B 383 -6.54 13.99 1.56
CA SER B 383 -6.76 15.16 2.42
C SER B 383 -7.54 16.25 1.70
N GLY B 384 -8.63 15.86 1.05
CA GLY B 384 -9.51 16.81 0.37
C GLY B 384 -8.94 17.34 -0.93
N LYS B 385 -7.76 16.86 -1.31
CA LYS B 385 -7.14 17.27 -2.56
C LYS B 385 -7.79 16.56 -3.74
N GLU B 386 -7.50 17.05 -4.94
CA GLU B 386 -8.03 16.46 -6.17
C GLU B 386 -6.92 15.70 -6.89
N GLY B 387 -7.31 14.90 -7.89
CA GLY B 387 -6.34 14.13 -8.64
C GLY B 387 -6.98 13.25 -9.70
N SER B 388 -6.14 12.69 -10.57
CA SER B 388 -6.60 11.83 -11.66
C SER B 388 -5.77 10.55 -11.71
N SER B 389 -6.20 9.60 -12.55
CA SER B 389 -5.51 8.31 -12.65
C SER B 389 -5.71 7.67 -14.03
N VAL B 390 -4.58 7.33 -14.67
CA VAL B 390 -4.60 6.68 -15.98
C VAL B 390 -4.15 5.23 -15.88
N LEU B 391 -4.87 4.35 -16.54
CA LEU B 391 -4.57 2.92 -16.55
C LEU B 391 -4.16 2.46 -17.95
N PHE B 392 -2.86 2.35 -18.18
CA PHE B 392 -2.35 1.94 -19.49
C PHE B 392 -2.30 0.42 -19.61
N ILE B 393 -3.27 -0.13 -20.33
CA ILE B 393 -3.35 -1.57 -20.56
C ILE B 393 -3.47 -1.87 -22.05
N CYS B 394 -3.46 -3.15 -22.40
CA CYS B 394 -3.58 -3.58 -23.79
C CYS B 394 -4.90 -4.29 -24.02
N LYS B 395 -5.09 -4.80 -25.25
CA LYS B 395 -6.38 -5.34 -25.69
C LYS B 395 -6.68 -6.74 -25.15
N ASP B 396 -5.84 -7.24 -24.25
CA ASP B 396 -6.04 -8.56 -23.66
C ASP B 396 -6.24 -8.48 -22.15
N GLU B 397 -6.07 -7.28 -21.59
CA GLU B 397 -6.20 -7.06 -20.17
C GLU B 397 -7.56 -6.50 -19.79
N LEU B 398 -8.49 -6.49 -20.74
CA LEU B 398 -9.83 -5.97 -20.49
C LEU B 398 -10.60 -6.75 -19.41
N PRO B 399 -10.37 -8.07 -19.31
CA PRO B 399 -11.02 -8.82 -18.23
C PRO B 399 -10.76 -8.21 -16.85
N PHE B 400 -9.64 -7.51 -16.70
CA PHE B 400 -9.35 -6.77 -15.48
C PHE B 400 -10.39 -5.67 -15.27
N VAL B 401 -10.53 -4.81 -16.27
CA VAL B 401 -11.48 -3.70 -16.21
C VAL B 401 -12.90 -4.24 -16.05
N ARG B 402 -13.17 -5.38 -16.68
CA ARG B 402 -14.48 -6.02 -16.58
C ARG B 402 -14.69 -6.57 -15.17
N GLU B 403 -13.74 -7.39 -14.71
CA GLU B 403 -13.82 -7.98 -13.38
C GLU B 403 -13.80 -6.90 -12.31
N LEU B 404 -13.18 -5.76 -12.63
CA LEU B 404 -13.18 -4.62 -11.73
C LEU B 404 -14.60 -4.08 -11.57
N GLU B 405 -15.37 -4.15 -12.66
CA GLU B 405 -16.75 -3.69 -12.66
C GLU B 405 -17.65 -4.70 -11.94
N ASP B 406 -17.39 -5.98 -12.17
CA ASP B 406 -18.19 -7.05 -11.57
C ASP B 406 -18.07 -7.08 -10.04
N ALA B 407 -16.84 -7.18 -9.55
CA ALA B 407 -16.59 -7.34 -8.13
C ALA B 407 -16.44 -6.01 -7.41
N LYS B 408 -15.41 -5.26 -7.77
CA LYS B 408 -15.10 -4.01 -7.08
C LYS B 408 -16.20 -2.96 -7.25
N ASN B 409 -17.08 -3.17 -8.22
CA ASN B 409 -18.15 -2.22 -8.52
C ASN B 409 -17.58 -0.91 -9.05
N ILE B 410 -16.39 -1.00 -9.66
CA ILE B 410 -15.71 0.16 -10.23
C ILE B 410 -15.54 -0.01 -11.73
N VAL B 411 -15.96 0.99 -12.49
CA VAL B 411 -15.78 0.99 -13.94
C VAL B 411 -15.21 2.34 -14.39
N ILE B 412 -14.32 2.30 -15.38
CA ILE B 412 -13.67 3.52 -15.84
C ILE B 412 -14.60 4.31 -16.76
N ALA B 413 -14.87 5.55 -16.36
CA ALA B 413 -15.78 6.40 -17.12
C ALA B 413 -15.22 6.75 -18.49
N LYS B 414 -13.90 6.93 -18.56
CA LYS B 414 -13.25 7.37 -19.78
C LYS B 414 -12.38 6.27 -20.41
N GLN B 415 -12.89 5.67 -21.48
CA GLN B 415 -12.13 4.67 -22.24
C GLN B 415 -11.57 5.30 -23.52
N GLU B 416 -10.29 5.02 -23.79
CA GLU B 416 -9.60 5.59 -24.94
C GLU B 416 -8.67 4.56 -25.58
N LYS B 417 -8.75 4.44 -26.91
CA LYS B 417 -7.86 3.56 -27.65
C LYS B 417 -6.54 4.27 -27.94
N TYR B 418 -5.49 3.50 -28.14
CA TYR B 418 -4.17 4.08 -28.43
C TYR B 418 -3.35 3.22 -29.39
N GLU B 419 -2.73 3.89 -30.36
CA GLU B 419 -1.77 3.24 -31.25
C GLU B 419 -0.56 4.16 -31.38
N PRO B 420 0.66 3.62 -31.20
CA PRO B 420 1.86 4.47 -31.23
C PRO B 420 2.28 4.86 -32.65
N SER B 421 2.82 6.07 -32.79
CA SER B 421 3.40 6.48 -34.06
C SER B 421 4.75 5.81 -34.24
N GLU B 422 5.37 6.01 -35.40
CA GLU B 422 6.67 5.41 -35.68
C GLU B 422 7.79 6.25 -35.10
N GLU B 423 7.59 7.57 -35.12
CA GLU B 423 8.61 8.50 -34.67
C GLU B 423 8.91 8.36 -33.18
N ILE B 424 7.92 7.92 -32.40
CA ILE B 424 8.10 7.79 -30.96
C ILE B 424 8.81 6.49 -30.58
N LYS B 425 8.51 5.41 -31.30
CA LYS B 425 9.16 4.14 -31.04
C LYS B 425 10.66 4.27 -31.21
N SER B 426 11.07 5.05 -32.20
CA SER B 426 12.48 5.31 -32.46
C SER B 426 13.10 6.05 -31.28
N GLU B 427 12.36 7.00 -30.75
CA GLU B 427 12.83 7.83 -29.64
C GLU B 427 13.09 6.98 -28.40
N VAL B 428 12.18 6.06 -28.11
CA VAL B 428 12.30 5.19 -26.95
C VAL B 428 13.26 4.03 -27.24
N LEU B 429 13.01 3.30 -28.32
CA LEU B 429 13.79 2.10 -28.63
C LEU B 429 15.25 2.41 -28.94
N GLU B 430 15.58 3.69 -29.06
CA GLU B 430 16.97 4.13 -29.23
C GLU B 430 17.61 4.40 -27.88
N ALA B 431 16.78 4.84 -26.94
CA ALA B 431 17.23 5.11 -25.58
C ALA B 431 17.07 3.88 -24.69
N VAL B 432 17.82 2.82 -25.03
CA VAL B 432 17.80 1.58 -24.26
C VAL B 432 19.20 0.99 -24.17
N THR B 433 19.88 1.27 -23.07
CA THR B 433 21.24 0.81 -22.86
C THR B 433 21.31 -0.69 -22.58
N GLU B 434 20.16 -1.31 -22.35
CA GLU B 434 20.10 -2.71 -21.96
C GLU B 434 20.51 -3.65 -23.09
N GLU B 435 21.35 -4.63 -22.76
CA GLU B 435 21.77 -5.65 -23.72
C GLU B 435 20.65 -6.68 -23.90
N PRO B 436 20.73 -7.50 -24.96
CA PRO B 436 19.66 -8.45 -25.27
C PRO B 436 19.41 -9.46 -24.15
N GLU B 437 20.49 -9.97 -23.56
CA GLU B 437 20.40 -10.95 -22.48
C GLU B 437 19.66 -10.36 -21.28
N ASP B 438 19.89 -9.07 -21.02
CA ASP B 438 19.26 -8.38 -19.90
C ASP B 438 17.77 -8.14 -20.17
N ILE B 439 17.44 -7.74 -21.39
CA ILE B 439 16.05 -7.50 -21.78
C ILE B 439 15.19 -8.75 -21.57
N SER B 440 15.77 -9.92 -21.81
CA SER B 440 15.07 -11.18 -21.65
C SER B 440 14.58 -11.36 -20.21
N ASP B 441 15.43 -11.02 -19.25
CA ASP B 441 15.06 -11.14 -17.84
C ASP B 441 13.90 -10.23 -17.49
N ILE B 442 13.83 -9.08 -18.16
CA ILE B 442 12.76 -8.12 -17.93
C ILE B 442 11.42 -8.70 -18.39
N VAL B 443 11.43 -9.37 -19.54
CA VAL B 443 10.22 -9.92 -20.12
C VAL B 443 9.77 -11.18 -19.38
N ILE B 444 10.71 -12.10 -19.16
CA ILE B 444 10.41 -13.35 -18.45
C ILE B 444 9.70 -13.07 -17.13
N SER B 445 10.16 -12.03 -16.44
CA SER B 445 9.58 -11.66 -15.14
C SER B 445 8.13 -11.19 -15.28
N LEU B 446 7.83 -10.50 -16.37
CA LEU B 446 6.46 -10.08 -16.66
C LEU B 446 5.56 -11.27 -16.95
N ILE B 447 6.11 -12.28 -17.62
CA ILE B 447 5.37 -13.49 -17.93
C ILE B 447 5.03 -14.22 -16.63
N SER B 448 6.03 -14.32 -15.75
CA SER B 448 5.82 -14.91 -14.43
C SER B 448 4.72 -14.16 -13.69
N SER B 449 4.81 -12.83 -13.73
CA SER B 449 3.86 -11.95 -13.06
C SER B 449 2.44 -12.16 -13.55
N TYR B 450 2.26 -12.11 -14.86
CA TYR B 450 0.93 -12.14 -15.44
C TYR B 450 0.30 -13.53 -15.42
N ARG B 451 1.10 -14.56 -15.17
CA ARG B 451 0.56 -15.92 -15.08
C ARG B 451 -0.05 -16.15 -13.70
N SER B 452 0.52 -15.50 -12.69
CA SER B 452 0.08 -15.69 -11.31
C SER B 452 -1.27 -15.05 -11.02
N CYS B 453 -1.76 -14.25 -11.97
CA CYS B 453 -3.03 -13.55 -11.79
C CYS B 453 -3.98 -13.76 -12.98
N ILE B 454 -3.91 -14.93 -13.59
CA ILE B 454 -4.83 -15.29 -14.65
C ILE B 454 -6.17 -15.71 -14.06
N LYS B 455 -6.11 -16.52 -13.01
CA LYS B 455 -7.32 -16.97 -12.31
C LYS B 455 -8.06 -15.79 -11.71
N GLU B 456 -7.31 -14.90 -11.06
CA GLU B 456 -7.89 -13.76 -10.36
C GLU B 456 -8.59 -12.80 -11.31
N TYR B 457 -7.88 -12.40 -12.37
CA TYR B 457 -8.35 -11.37 -13.28
C TYR B 457 -9.13 -11.94 -14.47
N ARG B 458 -9.37 -13.24 -14.46
CA ARG B 458 -10.13 -13.90 -15.52
C ARG B 458 -9.51 -13.67 -16.90
N PHE B 459 -8.18 -13.67 -16.95
CA PHE B 459 -7.48 -13.54 -18.23
C PHE B 459 -7.63 -14.80 -19.06
N SER B 460 -7.22 -14.71 -20.33
CA SER B 460 -7.17 -15.86 -21.21
C SER B 460 -5.71 -16.26 -21.43
N GLU B 461 -5.24 -17.21 -20.61
CA GLU B 461 -3.88 -17.72 -20.68
C GLU B 461 -3.44 -17.98 -22.12
N ARG B 462 -4.41 -18.35 -22.94
CA ARG B 462 -4.18 -18.64 -24.35
C ARG B 462 -3.61 -17.44 -25.11
N ARG B 463 -4.23 -16.27 -24.91
CA ARG B 463 -3.91 -15.09 -25.71
C ARG B 463 -3.15 -14.01 -24.92
N ILE B 464 -3.26 -14.03 -23.60
CA ILE B 464 -2.59 -13.01 -22.80
C ILE B 464 -1.09 -13.27 -22.71
N LEU B 465 -0.71 -14.52 -22.47
CA LEU B 465 0.68 -14.86 -22.23
C LEU B 465 1.57 -14.61 -23.44
N PRO B 466 1.12 -15.04 -24.63
CA PRO B 466 1.90 -14.76 -25.84
C PRO B 466 2.06 -13.26 -26.12
N GLU B 467 1.01 -12.48 -25.82
CA GLU B 467 1.06 -11.05 -26.04
C GLU B 467 2.13 -10.38 -25.17
N ILE B 468 2.20 -10.76 -23.90
CA ILE B 468 3.22 -10.24 -23.00
C ILE B 468 4.61 -10.57 -23.54
N ALA B 469 4.87 -11.85 -23.73
CA ALA B 469 6.18 -12.32 -24.17
C ALA B 469 6.60 -11.70 -25.50
N SER B 470 5.63 -11.27 -26.29
CA SER B 470 5.92 -10.71 -27.62
C SER B 470 6.60 -9.34 -27.51
N THR B 471 6.63 -8.78 -26.31
CA THR B 471 7.26 -7.49 -26.09
C THR B 471 8.76 -7.58 -26.40
N TYR B 472 9.35 -8.75 -26.14
CA TYR B 472 10.75 -8.99 -26.40
C TYR B 472 11.13 -8.70 -27.85
N GLY B 473 10.21 -9.01 -28.76
CA GLY B 473 10.41 -8.71 -30.16
C GLY B 473 10.33 -7.22 -30.42
N VAL B 474 9.36 -6.57 -29.75
CA VAL B 474 9.13 -5.15 -29.95
C VAL B 474 10.34 -4.32 -29.52
N LEU B 475 10.91 -4.65 -28.36
CA LEU B 475 12.00 -3.87 -27.80
C LEU B 475 13.26 -3.94 -28.66
N LEU B 476 13.36 -4.98 -29.49
CA LEU B 476 14.46 -5.09 -30.43
C LEU B 476 13.99 -4.75 -31.85
N ASN B 477 12.74 -4.35 -31.98
CA ASN B 477 12.15 -3.99 -33.26
C ASN B 477 12.16 -5.18 -34.24
N ASP B 478 11.78 -6.35 -33.73
CA ASP B 478 11.70 -7.57 -34.53
C ASP B 478 10.59 -8.47 -33.97
N PRO B 479 9.32 -8.12 -34.26
CA PRO B 479 8.16 -8.84 -33.75
C PRO B 479 8.19 -10.35 -34.03
N GLN B 480 8.74 -10.74 -35.17
CA GLN B 480 8.79 -12.15 -35.56
C GLN B 480 9.77 -12.93 -34.67
N LEU B 481 10.64 -12.21 -33.98
CA LEU B 481 11.65 -12.84 -33.12
C LEU B 481 11.03 -13.27 -31.78
N LYS B 482 11.52 -14.39 -31.26
CA LYS B 482 11.09 -14.90 -29.96
C LYS B 482 12.27 -14.97 -29.00
N ILE B 483 11.96 -15.26 -27.74
CA ILE B 483 12.97 -15.28 -26.68
C ILE B 483 13.78 -16.57 -26.72
N PRO B 484 15.10 -16.49 -26.98
CA PRO B 484 15.90 -17.71 -27.01
C PRO B 484 16.08 -18.33 -25.62
N VAL B 485 15.86 -19.65 -25.52
CA VAL B 485 15.89 -20.33 -24.24
C VAL B 485 16.23 -21.82 -24.41
N SER B 486 16.92 -22.38 -23.42
CA SER B 486 17.29 -23.79 -23.45
C SER B 486 16.07 -24.68 -23.18
N ARG B 487 16.14 -25.91 -23.66
CA ARG B 487 15.05 -26.87 -23.48
C ARG B 487 14.86 -27.22 -22.01
N ARG B 488 15.93 -27.08 -21.23
CA ARG B 488 15.86 -27.37 -19.80
C ARG B 488 15.04 -26.34 -19.05
N PHE B 489 15.18 -25.08 -19.45
CA PHE B 489 14.46 -23.98 -18.82
C PHE B 489 13.00 -23.98 -19.28
N LEU B 490 12.79 -24.16 -20.58
CA LEU B 490 11.45 -24.17 -21.15
C LEU B 490 10.60 -25.24 -20.48
N ASP B 491 11.19 -26.40 -20.23
CA ASP B 491 10.52 -27.49 -19.54
C ASP B 491 10.35 -27.13 -18.07
N LYS B 492 11.28 -26.36 -17.53
CA LYS B 492 11.21 -25.92 -16.13
C LYS B 492 10.01 -25.01 -15.90
N LEU B 493 9.52 -24.41 -16.98
CA LEU B 493 8.37 -23.52 -16.91
C LEU B 493 7.06 -24.32 -16.90
N GLY B 494 7.08 -25.48 -17.55
CA GLY B 494 5.92 -26.34 -17.63
C GLY B 494 5.08 -26.11 -18.87
N LEU B 495 5.44 -25.08 -19.64
CA LEU B 495 4.71 -24.74 -20.85
C LEU B 495 5.00 -25.71 -21.99
N SER B 496 5.87 -26.68 -21.73
CA SER B 496 6.20 -27.69 -22.73
C SER B 496 4.99 -28.54 -23.09
N ARG B 497 4.03 -28.63 -22.17
CA ARG B 497 2.83 -29.41 -22.39
C ARG B 497 1.78 -28.62 -23.17
N SER B 498 1.96 -27.31 -23.26
CA SER B 498 0.99 -26.42 -23.90
C SER B 498 1.50 -25.91 -25.26
N PRO B 499 0.58 -25.63 -26.20
CA PRO B 499 0.99 -25.00 -27.47
C PRO B 499 1.52 -23.59 -27.26
N ILE B 500 1.16 -22.98 -26.14
CA ILE B 500 1.56 -21.62 -25.82
C ILE B 500 3.08 -21.53 -25.72
N GLY B 501 3.71 -22.57 -25.19
CA GLY B 501 5.15 -22.59 -25.00
C GLY B 501 5.92 -22.28 -26.27
N LYS B 502 5.49 -22.87 -27.39
CA LYS B 502 6.16 -22.66 -28.67
C LYS B 502 5.79 -21.31 -29.28
N ALA B 503 4.77 -20.66 -28.73
CA ALA B 503 4.29 -19.39 -29.26
C ALA B 503 4.96 -18.19 -28.60
N MET B 504 5.88 -18.45 -27.67
CA MET B 504 6.55 -17.40 -26.93
C MET B 504 8.07 -17.55 -26.92
N PHE B 505 8.54 -18.77 -27.17
CA PHE B 505 9.97 -19.08 -27.05
C PHE B 505 10.54 -19.80 -28.27
N GLU B 506 11.87 -19.88 -28.30
CA GLU B 506 12.60 -20.58 -29.34
C GLU B 506 13.71 -21.42 -28.71
N ILE B 507 13.70 -22.72 -28.97
CA ILE B 507 14.71 -23.62 -28.43
C ILE B 507 16.04 -23.40 -29.13
N ARG B 508 16.93 -22.66 -28.47
CA ARG B 508 18.24 -22.30 -29.02
C ARG B 508 19.35 -22.74 -28.08
BE BEF C . -5.23 4.50 2.98
F1 BEF C . -4.06 4.27 3.94
F2 BEF C . -4.90 5.58 1.89
F3 BEF C . -5.58 3.20 2.25
O3B CDP D . -5.07 7.23 3.68
PB CDP D . -5.56 7.09 5.10
O1B CDP D . -4.76 6.03 5.81
O2B CDP D . -7.02 6.70 5.07
O3A CDP D . -5.41 8.46 5.85
PA CDP D . -4.02 9.15 6.16
O1A CDP D . -2.95 8.51 5.31
O2A CDP D . -3.69 9.00 7.62
O5' CDP D . -4.12 10.70 5.81
C5' CDP D . -2.96 11.31 5.27
C4' CDP D . -2.96 12.78 5.56
O4' CDP D . -4.33 13.26 5.84
C3' CDP D . -2.17 13.08 6.76
O3' CDP D . -0.82 13.42 6.37
C2' CDP D . -2.81 14.21 7.42
O2' CDP D . -2.00 15.41 7.30
C1' CDP D . -4.11 14.42 6.75
N1 CDP D . -5.16 14.49 7.68
C2 CDP D . -5.95 15.65 7.86
O2 CDP D . -5.70 16.61 7.16
N3 CDP D . -7.01 15.81 8.73
C4 CDP D . -7.35 14.84 9.50
N4 CDP D . -8.44 14.99 10.41
C5 CDP D . -6.57 13.51 9.43
C6 CDP D . -5.51 13.38 8.52
H5'1 CDP D . -2.94 11.17 4.30
H5'2 CDP D . -2.17 10.90 5.67
H4' CDP D . -2.59 13.26 4.79
H3' CDP D . -2.15 12.30 7.36
HA CDP D . -0.34 13.64 7.08
H2' CDP D . -2.96 14.01 8.37
HB CDP D . -1.26 15.31 7.79
H1' CDP D . -4.07 15.26 6.23
H4N1 CDP D . -8.67 14.31 10.96
H4N2 CDP D . -8.89 15.79 10.45
H5 CDP D . -6.82 12.77 10.01
H6 CDP D . -5.00 12.55 8.47
MG MG E . -3.38 4.38 5.72
#